data_3UQ0
#
_entry.id   3UQ0
#
_cell.length_a   55.843
_cell.length_b   64.241
_cell.length_c   139.290
_cell.angle_alpha   90.00
_cell.angle_beta   90.00
_cell.angle_gamma   90.00
#
_symmetry.space_group_name_H-M   'P 21 21 21'
#
loop_
_entity.id
_entity.type
_entity.pdbx_description
1 polymer 'DNA polymerase lambda'
2 polymer "5'-D(*CP*GP*GP*CP*TP*GP*TP*AP*CP*TP*G)-3'"
3 polymer "5'-D(*CP*AP*GP*TP*AP*CP)-R(P*A)-3'"
4 polymer "5'-D(P*GP*CP*CP*G)-3'"
5 non-polymer 'SODIUM ION'
6 non-polymer 'SULFATE ION'
7 non-polymer 'CHLORIDE ION'
8 non-polymer 1,2-ETHANEDIOL
9 water water
#
loop_
_entity_poly.entity_id
_entity_poly.type
_entity_poly.pdbx_seq_one_letter_code
_entity_poly.pdbx_strand_id
1 'polypeptide(L)'
;AQPSSQKATNHNLHITEKLEVLAKAYSVQGDKWRALGYAKAINALKSFHKPVTSYQEACSIPGIGKRMAEKIIEILESGH
LRKLDHISESVPVLELFSNIWGAGTKTAQMWYQQGFRSLEDIRSQASLTTQQAIGLKHYSDFLERMPREEATEIEQTVQK
AAQAFNSGLLCVACGSYRRGKATCGDVDVLITHPDGRSHRGIFSRLLDSLRQEGFLTDDLVKGETKYLGVCRLPGPGRRH
RRLDIIVVPYSEFACALLYFTGSAHFNRSMRALAKTKGMSLSEHALSTAVVRNTHGCKVGPGRVLPTPTEKDVFRLLGLP
YREPAERDW
;
A
2 'polydeoxyribonucleotide' (DC)(DG)(DG)(DC)(DT)(DG)(DT)(DA)(DC)(DT)(DG) T
3 'polydeoxyribonucleotide/polyribonucleotide hybrid' (DC)(DA)(DG)(DT)(DA)(DC)A P
4 'polydeoxyribonucleotide' (DG)(DC)(DC)(DG) D
#
# COMPACT_ATOMS: atom_id res chain seq x y z
N ASN A 10 8.51 -21.63 -4.58
CA ASN A 10 8.80 -20.58 -5.56
C ASN A 10 9.46 -21.10 -6.84
N HIS A 11 8.89 -22.15 -7.42
CA HIS A 11 9.45 -22.78 -8.62
C HIS A 11 9.03 -22.03 -9.89
N ASN A 12 9.03 -20.71 -9.79
CA ASN A 12 8.33 -19.85 -10.75
C ASN A 12 9.24 -19.04 -11.66
N LEU A 13 10.36 -18.59 -11.10
CA LEU A 13 11.20 -17.53 -11.69
C LEU A 13 11.20 -17.43 -13.21
N HIS A 14 11.46 -18.54 -13.89
CA HIS A 14 11.66 -18.50 -15.34
C HIS A 14 10.48 -17.92 -16.13
N ILE A 15 9.28 -17.99 -15.55
CA ILE A 15 8.09 -17.48 -16.21
C ILE A 15 7.69 -16.11 -15.70
N THR A 16 7.66 -15.95 -14.38
CA THR A 16 7.21 -14.71 -13.75
C THR A 16 8.08 -13.50 -14.09
N GLU A 17 9.39 -13.69 -14.06
CA GLU A 17 10.31 -12.60 -14.37
C GLU A 17 9.93 -11.91 -15.67
N LYS A 18 9.52 -12.70 -16.67
CA LYS A 18 9.12 -12.16 -17.96
C LYS A 18 7.77 -11.46 -17.88
N LEU A 19 6.85 -12.05 -17.10
CA LEU A 19 5.53 -11.48 -16.93
C LEU A 19 5.55 -10.15 -16.15
N GLU A 20 6.41 -10.07 -15.14
CA GLU A 20 6.52 -8.84 -14.33
C GLU A 20 6.94 -7.64 -15.17
N VAL A 21 7.82 -7.87 -16.14
CA VAL A 21 8.26 -6.80 -17.03
C VAL A 21 7.03 -6.29 -17.77
N LEU A 22 6.24 -7.21 -18.29
CA LEU A 22 5.04 -6.86 -19.02
C LEU A 22 4.06 -6.18 -18.06
N ALA A 23 3.91 -6.75 -16.87
CA ALA A 23 3.02 -6.21 -15.85
C ALA A 23 3.35 -4.76 -15.50
N LYS A 24 4.62 -4.50 -15.24
CA LYS A 24 5.06 -3.17 -14.85
C LYS A 24 4.83 -2.17 -15.98
N ALA A 25 5.02 -2.61 -17.22
CA ALA A 25 4.75 -1.73 -18.35
C ALA A 25 3.30 -1.28 -18.37
N TYR A 26 2.38 -2.23 -18.20
CA TYR A 26 0.96 -1.91 -18.19
C TYR A 26 0.65 -0.97 -17.04
N SER A 27 1.20 -1.28 -15.88
CA SER A 27 0.98 -0.47 -14.69
C SER A 27 1.39 0.99 -14.92
N VAL A 28 2.65 1.21 -15.29
CA VAL A 28 3.15 2.58 -15.43
C VAL A 28 2.47 3.35 -16.56
N GLN A 29 1.85 2.63 -17.50
CA GLN A 29 1.12 3.29 -18.58
C GLN A 29 -0.36 3.40 -18.24
N GLY A 30 -0.72 2.99 -17.04
CA GLY A 30 -2.03 3.28 -16.50
C GLY A 30 -3.12 2.29 -16.88
N ASP A 31 -2.72 1.16 -17.45
CA ASP A 31 -3.69 0.10 -17.75
C ASP A 31 -3.86 -0.77 -16.52
N LYS A 32 -4.50 -0.23 -15.50
CA LYS A 32 -4.52 -0.83 -14.17
C LYS A 32 -5.25 -2.17 -14.10
N TRP A 33 -6.27 -2.34 -14.92
CA TRP A 33 -7.01 -3.59 -14.87
C TRP A 33 -6.20 -4.74 -15.47
N ARG A 34 -5.61 -4.52 -16.64
CA ARG A 34 -4.75 -5.54 -17.22
C ARG A 34 -3.58 -5.85 -16.29
N ALA A 35 -3.02 -4.81 -15.66
CA ALA A 35 -1.93 -5.01 -14.72
C ALA A 35 -2.37 -5.81 -13.50
N LEU A 36 -3.63 -5.63 -13.10
CA LEU A 36 -4.18 -6.40 -11.99
C LEU A 36 -4.17 -7.88 -12.34
N GLY A 37 -4.76 -8.22 -13.49
CA GLY A 37 -4.77 -9.58 -13.96
C GLY A 37 -3.38 -10.16 -13.94
N TYR A 38 -2.40 -9.40 -14.44
CA TYR A 38 -1.02 -9.88 -14.43
C TYR A 38 -0.50 -10.10 -13.01
N ALA A 39 -0.74 -9.14 -12.13
CA ALA A 39 -0.33 -9.26 -10.74
C ALA A 39 -0.86 -10.55 -10.11
N LYS A 40 -2.16 -10.79 -10.27
CA LYS A 40 -2.77 -11.97 -9.68
C LYS A 40 -2.21 -13.24 -10.31
N ALA A 41 -2.12 -13.25 -11.63
CA ALA A 41 -1.51 -14.38 -12.33
C ALA A 41 -0.10 -14.66 -11.80
N ILE A 42 0.71 -13.60 -11.71
CA ILE A 42 2.08 -13.72 -11.22
C ILE A 42 2.12 -14.26 -9.79
N ASN A 43 1.22 -13.76 -8.94
CA ASN A 43 1.16 -14.22 -7.56
C ASN A 43 0.86 -15.73 -7.47
N ALA A 44 -0.06 -16.19 -8.32
CA ALA A 44 -0.43 -17.60 -8.34
C ALA A 44 0.76 -18.47 -8.73
N LEU A 45 1.41 -18.13 -9.84
CA LEU A 45 2.57 -18.87 -10.30
C LEU A 45 3.63 -18.92 -9.20
N LYS A 46 3.70 -17.86 -8.39
CA LYS A 46 4.70 -17.79 -7.33
C LYS A 46 4.38 -18.67 -6.14
N SER A 47 3.21 -19.30 -6.14
CA SER A 47 2.76 -20.07 -4.99
C SER A 47 2.30 -21.50 -5.34
N PHE A 48 2.44 -21.89 -6.61
CA PHE A 48 2.11 -23.24 -7.02
C PHE A 48 3.19 -24.21 -6.56
N HIS A 49 2.77 -25.42 -6.18
CA HIS A 49 3.68 -26.41 -5.60
C HIS A 49 4.86 -26.77 -6.51
N LYS A 50 4.57 -27.12 -7.76
CA LYS A 50 5.60 -27.52 -8.72
C LYS A 50 5.65 -26.58 -9.92
N PRO A 51 6.77 -26.64 -10.68
CA PRO A 51 6.93 -25.84 -11.90
C PRO A 51 5.84 -26.15 -12.93
N VAL A 52 5.35 -25.13 -13.61
CA VAL A 52 4.27 -25.30 -14.60
C VAL A 52 4.79 -25.95 -15.86
N THR A 53 4.10 -27.00 -16.32
CA THR A 53 4.56 -27.81 -17.44
C THR A 53 3.56 -27.88 -18.60
N SER A 54 2.30 -28.16 -18.28
CA SER A 54 1.29 -28.35 -19.30
C SER A 54 0.42 -27.11 -19.49
N TYR A 55 0.06 -26.81 -20.73
CA TYR A 55 -0.88 -25.74 -21.02
C TYR A 55 -2.16 -25.93 -20.20
N GLN A 56 -2.62 -27.18 -20.11
CA GLN A 56 -3.80 -27.50 -19.34
C GLN A 56 -3.54 -27.28 -17.85
N GLU A 57 -2.31 -27.59 -17.43
CA GLU A 57 -1.92 -27.39 -16.06
C GLU A 57 -1.99 -25.91 -15.71
N ALA A 58 -1.64 -25.07 -16.69
CA ALA A 58 -1.66 -23.62 -16.52
C ALA A 58 -3.07 -23.15 -16.15
N CYS A 59 -4.03 -23.44 -17.03
CA CYS A 59 -5.43 -23.10 -16.77
C CYS A 59 -5.88 -23.63 -15.41
N SER A 60 -5.44 -24.84 -15.08
CA SER A 60 -5.78 -25.48 -13.81
C SER A 60 -5.63 -24.53 -12.62
N ILE A 61 -4.74 -23.55 -12.77
CA ILE A 61 -4.47 -22.59 -11.69
C ILE A 61 -5.44 -21.41 -11.73
N PRO A 62 -6.06 -21.11 -10.58
CA PRO A 62 -6.96 -19.95 -10.49
C PRO A 62 -6.17 -18.66 -10.59
N GLY A 63 -6.57 -17.79 -11.51
CA GLY A 63 -5.85 -16.54 -11.76
C GLY A 63 -5.15 -16.60 -13.10
N ILE A 64 -4.98 -17.80 -13.62
CA ILE A 64 -4.39 -17.99 -14.93
C ILE A 64 -5.45 -18.54 -15.88
N GLY A 65 -5.62 -17.87 -17.01
CA GLY A 65 -6.65 -18.25 -17.96
C GLY A 65 -6.07 -18.51 -19.33
N LYS A 66 -6.91 -18.44 -20.36
CA LYS A 66 -6.49 -18.72 -21.72
C LYS A 66 -5.25 -17.96 -22.16
N ARG A 67 -5.32 -16.63 -22.11
CA ARG A 67 -4.25 -15.78 -22.65
C ARG A 67 -2.94 -15.86 -21.84
N MET A 68 -3.07 -15.99 -20.53
CA MET A 68 -1.90 -16.13 -19.68
C MET A 68 -1.27 -17.50 -19.90
N ALA A 69 -2.12 -18.50 -20.11
CA ALA A 69 -1.65 -19.84 -20.41
C ALA A 69 -0.84 -19.82 -21.71
N GLU A 70 -1.44 -19.28 -22.77
CA GLU A 70 -0.77 -19.16 -24.06
C GLU A 70 0.61 -18.52 -23.91
N LYS A 71 0.70 -17.48 -23.07
CA LYS A 71 1.97 -16.78 -22.83
C LYS A 71 2.98 -17.65 -22.09
N ILE A 72 2.52 -18.32 -21.03
CA ILE A 72 3.37 -19.19 -20.24
C ILE A 72 3.97 -20.31 -21.11
N ILE A 73 3.20 -20.75 -22.09
CA ILE A 73 3.66 -21.81 -23.01
C ILE A 73 4.79 -21.30 -23.90
N GLU A 74 4.68 -20.04 -24.33
CA GLU A 74 5.73 -19.42 -25.13
C GLU A 74 7.02 -19.28 -24.33
N ILE A 75 6.88 -19.01 -23.03
CA ILE A 75 8.04 -18.87 -22.16
C ILE A 75 8.71 -20.23 -21.96
N LEU A 76 7.93 -21.23 -21.60
CA LEU A 76 8.47 -22.57 -21.36
C LEU A 76 9.22 -23.12 -22.57
N GLU A 77 8.63 -22.93 -23.76
CA GLU A 77 9.24 -23.38 -24.99
C GLU A 77 10.34 -22.43 -25.47
N SER A 78 9.92 -21.30 -26.05
CA SER A 78 10.84 -20.34 -26.67
C SER A 78 11.83 -19.71 -25.70
N GLY A 79 11.51 -19.69 -24.42
CA GLY A 79 12.36 -19.06 -23.43
C GLY A 79 12.31 -17.55 -23.53
N HIS A 80 11.44 -17.05 -24.40
CA HIS A 80 11.26 -15.61 -24.58
C HIS A 80 9.82 -15.28 -24.95
N LEU A 81 9.33 -14.16 -24.43
CA LEU A 81 7.97 -13.70 -24.73
C LEU A 81 8.01 -12.53 -25.70
N ARG A 82 7.45 -12.73 -26.88
CA ARG A 82 7.58 -11.77 -27.98
C ARG A 82 6.94 -10.41 -27.69
N LYS A 83 6.02 -10.38 -26.75
CA LYS A 83 5.36 -9.13 -26.40
C LYS A 83 6.34 -8.18 -25.72
N LEU A 84 7.27 -8.73 -24.95
CA LEU A 84 8.26 -7.95 -24.23
C LEU A 84 9.10 -7.09 -25.17
N ASP A 85 8.89 -7.26 -26.48
CA ASP A 85 9.68 -6.56 -27.47
C ASP A 85 8.93 -5.35 -28.01
N HIS A 86 7.64 -5.25 -27.68
CA HIS A 86 6.82 -4.15 -28.16
C HIS A 86 6.48 -3.17 -27.04
N ILE A 87 7.19 -3.28 -25.92
CA ILE A 87 7.05 -2.34 -24.82
C ILE A 87 7.68 -1.00 -25.20
N SER A 88 6.87 0.05 -25.16
CA SER A 88 7.34 1.41 -25.43
C SER A 88 8.66 1.69 -24.74
N GLU A 89 9.55 2.37 -25.45
CA GLU A 89 10.84 2.74 -24.89
C GLU A 89 10.65 3.75 -23.77
N SER A 90 9.47 4.33 -23.68
CA SER A 90 9.16 5.34 -22.67
C SER A 90 9.10 4.75 -21.27
N VAL A 91 8.88 3.45 -21.19
CA VAL A 91 8.52 2.80 -19.94
C VAL A 91 9.50 3.08 -18.78
N PRO A 92 10.81 2.91 -19.02
CA PRO A 92 11.76 3.15 -17.93
C PRO A 92 11.66 4.56 -17.40
N VAL A 93 11.45 5.53 -18.29
CA VAL A 93 11.35 6.93 -17.88
C VAL A 93 10.04 7.21 -17.13
N LEU A 94 8.96 6.55 -17.57
CA LEU A 94 7.66 6.72 -16.93
C LEU A 94 7.71 6.14 -15.53
N GLU A 95 8.45 5.05 -15.37
CA GLU A 95 8.65 4.48 -14.06
C GLU A 95 9.48 5.43 -13.21
N LEU A 96 10.57 5.95 -13.77
CA LEU A 96 11.41 6.91 -13.07
C LEU A 96 10.58 8.07 -12.53
N PHE A 97 9.76 8.64 -13.41
CA PHE A 97 8.95 9.81 -13.07
C PHE A 97 7.84 9.47 -12.07
N SER A 98 7.19 8.34 -12.25
CA SER A 98 6.06 8.02 -11.38
C SER A 98 6.49 7.49 -10.01
N ASN A 99 7.79 7.31 -9.80
CA ASN A 99 8.26 6.98 -8.45
C ASN A 99 8.45 8.23 -7.59
N ILE A 100 8.21 9.40 -8.17
CA ILE A 100 8.09 10.63 -7.39
C ILE A 100 6.73 10.65 -6.70
N TRP A 101 6.73 10.70 -5.37
CA TRP A 101 5.47 10.73 -4.64
C TRP A 101 4.63 11.92 -5.10
N GLY A 102 3.38 11.66 -5.50
CA GLY A 102 2.52 12.73 -5.95
C GLY A 102 2.43 12.85 -7.46
N ALA A 103 3.30 12.13 -8.17
CA ALA A 103 3.20 12.09 -9.64
C ALA A 103 2.86 10.68 -10.05
N GLY A 104 1.77 10.54 -10.80
CA GLY A 104 1.31 9.24 -11.23
C GLY A 104 1.50 9.09 -12.72
N THR A 105 0.76 8.16 -13.31
CA THR A 105 0.86 7.86 -14.72
C THR A 105 0.63 9.09 -15.60
N LYS A 106 -0.41 9.85 -15.27
CA LYS A 106 -0.80 10.99 -16.08
C LYS A 106 0.27 12.07 -16.10
N THR A 107 0.81 12.38 -14.92
CA THR A 107 1.89 13.34 -14.80
C THR A 107 3.13 12.82 -15.52
N ALA A 108 3.47 11.56 -15.30
CA ALA A 108 4.65 10.97 -15.94
C ALA A 108 4.55 11.07 -17.47
N GLN A 109 3.40 10.69 -18.02
CA GLN A 109 3.18 10.79 -19.46
C GLN A 109 3.27 12.22 -19.97
N MET A 110 2.72 13.16 -19.21
CA MET A 110 2.75 14.55 -19.63
C MET A 110 4.19 15.04 -19.70
N TRP A 111 4.94 14.77 -18.64
CA TRP A 111 6.35 15.13 -18.58
C TRP A 111 7.14 14.51 -19.73
N TYR A 112 6.85 13.25 -20.03
CA TYR A 112 7.51 12.58 -21.15
C TYR A 112 7.20 13.29 -22.48
N GLN A 113 5.92 13.56 -22.73
CA GLN A 113 5.53 14.23 -23.97
CA GLN A 113 5.49 14.26 -23.94
C GLN A 113 6.26 15.57 -24.08
N GLN A 114 6.44 16.25 -22.95
CA GLN A 114 7.12 17.54 -22.96
C GLN A 114 8.63 17.46 -23.15
N GLY A 115 9.13 16.25 -23.38
CA GLY A 115 10.53 16.05 -23.68
C GLY A 115 11.43 15.74 -22.49
N PHE A 116 10.87 15.75 -21.27
CA PHE A 116 11.65 15.44 -20.07
C PHE A 116 12.05 13.98 -20.03
N ARG A 117 13.28 13.70 -19.61
CA ARG A 117 13.77 12.31 -19.62
C ARG A 117 14.45 11.88 -18.33
N SER A 118 14.80 12.84 -17.49
CA SER A 118 15.59 12.55 -16.30
C SER A 118 15.10 13.38 -15.13
N LEU A 119 15.51 13.02 -13.92
CA LEU A 119 15.10 13.78 -12.74
C LEU A 119 15.73 15.18 -12.74
N GLU A 120 16.89 15.29 -13.38
CA GLU A 120 17.47 16.62 -13.61
C GLU A 120 16.55 17.48 -14.48
N ASP A 121 15.95 16.89 -15.52
CA ASP A 121 14.99 17.61 -16.36
C ASP A 121 13.79 18.08 -15.52
N ILE A 122 13.28 17.19 -14.67
CA ILE A 122 12.15 17.53 -13.80
C ILE A 122 12.53 18.67 -12.85
N ARG A 123 13.65 18.50 -12.17
CA ARG A 123 14.13 19.49 -11.21
C ARG A 123 14.26 20.87 -11.85
N SER A 124 14.89 20.91 -13.01
CA SER A 124 15.21 22.19 -13.64
C SER A 124 14.06 22.77 -14.47
N GLN A 125 13.23 21.92 -15.06
CA GLN A 125 12.23 22.42 -16.02
C GLN A 125 10.75 22.17 -15.70
N ALA A 126 10.42 21.20 -14.85
CA ALA A 126 9.01 20.89 -14.61
C ALA A 126 8.39 21.79 -13.55
N SER A 127 7.09 22.03 -13.67
CA SER A 127 6.38 22.74 -12.61
C SER A 127 5.79 21.67 -11.71
N LEU A 128 6.22 21.67 -10.46
CA LEU A 128 5.90 20.59 -9.54
C LEU A 128 4.87 21.04 -8.54
N THR A 129 3.94 20.17 -8.17
CA THR A 129 3.04 20.52 -7.09
C THR A 129 3.85 20.50 -5.80
N THR A 130 3.22 20.96 -4.72
CA THR A 130 3.88 21.00 -3.42
C THR A 130 4.28 19.60 -2.96
N GLN A 131 3.38 18.64 -3.16
CA GLN A 131 3.66 17.26 -2.79
C GLN A 131 4.77 16.67 -3.66
N GLN A 132 4.72 16.95 -4.96
CA GLN A 132 5.72 16.40 -5.88
C GLN A 132 7.11 16.92 -5.55
N ALA A 133 7.20 18.19 -5.16
CA ALA A 133 8.51 18.78 -4.82
C ALA A 133 9.10 18.07 -3.62
N ILE A 134 8.26 17.78 -2.64
CA ILE A 134 8.67 16.99 -1.47
C ILE A 134 9.08 15.57 -1.89
N GLY A 135 8.26 14.94 -2.73
CA GLY A 135 8.57 13.61 -3.24
C GLY A 135 9.89 13.53 -3.98
N LEU A 136 10.22 14.57 -4.72
CA LEU A 136 11.48 14.61 -5.46
C LEU A 136 12.66 14.78 -4.50
N LYS A 137 12.50 15.66 -3.52
CA LYS A 137 13.51 15.87 -2.49
C LYS A 137 13.91 14.57 -1.81
N HIS A 138 12.92 13.70 -1.59
CA HIS A 138 13.13 12.43 -0.88
C HIS A 138 13.05 11.22 -1.81
N TYR A 139 13.35 11.44 -3.09
CA TYR A 139 13.22 10.39 -4.09
C TYR A 139 13.88 9.07 -3.66
N SER A 140 15.17 9.13 -3.36
CA SER A 140 15.88 7.93 -2.95
C SER A 140 15.33 7.36 -1.64
N ASP A 141 15.13 8.22 -0.64
CA ASP A 141 14.70 7.73 0.67
C ASP A 141 13.38 7.03 0.57
N PHE A 142 12.48 7.57 -0.24
CA PHE A 142 11.15 6.99 -0.38
C PHE A 142 11.16 5.64 -1.06
N LEU A 143 12.21 5.34 -1.83
CA LEU A 143 12.33 4.02 -2.44
C LEU A 143 12.97 2.99 -1.50
N GLU A 144 13.47 3.45 -0.37
CA GLU A 144 14.15 2.57 0.59
C GLU A 144 13.16 2.01 1.61
N ARG A 145 13.38 0.76 2.01
CA ARG A 145 12.66 0.22 3.15
C ARG A 145 13.46 0.45 4.43
N MET A 146 12.79 0.32 5.57
CA MET A 146 13.46 0.45 6.86
C MET A 146 13.41 -0.89 7.60
N PRO A 147 14.40 -1.13 8.48
CA PRO A 147 14.29 -2.34 9.30
C PRO A 147 13.13 -2.17 10.28
N ARG A 148 12.47 -3.25 10.67
CA ARG A 148 11.28 -3.11 11.49
C ARG A 148 11.61 -2.42 12.81
N GLU A 149 12.86 -2.57 13.26
CA GLU A 149 13.30 -1.94 14.49
C GLU A 149 13.10 -0.42 14.41
N GLU A 150 13.35 0.15 13.24
CA GLU A 150 13.18 1.59 13.09
C GLU A 150 11.69 1.98 13.12
N ALA A 151 10.84 1.14 12.53
CA ALA A 151 9.41 1.35 12.60
C ALA A 151 8.96 1.39 14.08
N THR A 152 9.54 0.51 14.89
CA THR A 152 9.24 0.51 16.32
C THR A 152 9.54 1.88 16.93
N GLU A 153 10.69 2.47 16.58
CA GLU A 153 11.09 3.77 17.13
C GLU A 153 10.15 4.88 16.69
N ILE A 154 9.71 4.79 15.45
CA ILE A 154 8.80 5.77 14.93
C ILE A 154 7.48 5.67 15.70
N GLU A 155 6.99 4.45 15.90
CA GLU A 155 5.77 4.23 16.67
C GLU A 155 5.88 4.85 18.07
N GLN A 156 6.97 4.56 18.76
CA GLN A 156 7.16 5.06 20.12
C GLN A 156 7.30 6.57 20.14
N THR A 157 7.86 7.11 19.07
CA THR A 157 8.02 8.57 19.00
C THR A 157 6.64 9.20 18.99
N VAL A 158 5.76 8.66 18.15
CA VAL A 158 4.41 9.19 18.03
C VAL A 158 3.65 8.91 19.32
N GLN A 159 3.79 7.70 19.84
CA GLN A 159 3.11 7.30 21.07
C GLN A 159 3.48 8.20 22.24
N LYS A 160 4.77 8.42 22.46
CA LYS A 160 5.22 9.28 23.55
C LYS A 160 4.64 10.67 23.39
N ALA A 161 4.63 11.19 22.16
CA ALA A 161 4.10 12.53 21.94
C ALA A 161 2.59 12.58 22.18
N ALA A 162 1.89 11.52 21.80
CA ALA A 162 0.44 11.48 21.95
C ALA A 162 0.05 11.28 23.41
N GLN A 163 0.75 10.38 24.09
CA GLN A 163 0.42 10.03 25.47
C GLN A 163 0.67 11.20 26.42
N ALA A 164 1.51 12.14 26.02
CA ALA A 164 1.69 13.38 26.76
C ALA A 164 0.35 14.09 26.97
N PHE A 165 -0.52 14.03 25.97
CA PHE A 165 -1.82 14.67 26.04
C PHE A 165 -2.85 13.79 26.76
N ASN A 166 -2.65 12.47 26.71
CA ASN A 166 -3.53 11.54 27.39
C ASN A 166 -2.93 10.14 27.42
N SER A 167 -2.58 9.68 28.61
CA SER A 167 -1.86 8.41 28.77
C SER A 167 -2.70 7.19 28.36
N GLY A 168 -4.01 7.38 28.22
CA GLY A 168 -4.89 6.29 27.83
C GLY A 168 -4.95 6.06 26.32
N LEU A 169 -4.43 7.00 25.54
CA LEU A 169 -4.44 6.88 24.08
C LEU A 169 -3.74 5.62 23.60
N LEU A 170 -4.42 4.84 22.77
CA LEU A 170 -3.78 3.69 22.15
C LEU A 170 -3.13 4.08 20.83
N CYS A 171 -1.84 3.76 20.67
CA CYS A 171 -1.14 4.02 19.43
C CYS A 171 -0.56 2.73 18.89
N VAL A 172 -0.98 2.34 17.70
CA VAL A 172 -0.55 1.08 17.11
C VAL A 172 -0.01 1.29 15.69
N ALA A 173 1.25 0.92 15.46
CA ALA A 173 1.79 0.89 14.11
C ALA A 173 1.21 -0.32 13.38
N CYS A 174 0.67 -0.09 12.19
CA CYS A 174 -0.01 -1.18 11.48
C CYS A 174 0.81 -1.66 10.29
N GLY A 175 0.17 -1.78 9.12
CA GLY A 175 0.87 -2.16 7.91
C GLY A 175 1.72 -3.43 8.04
N SER A 176 2.76 -3.52 7.23
CA SER A 176 3.64 -4.69 7.24
C SER A 176 4.32 -4.86 8.60
N TYR A 177 4.47 -3.77 9.33
CA TYR A 177 5.05 -3.84 10.66
C TYR A 177 4.23 -4.81 11.51
N ARG A 178 2.92 -4.53 11.62
CA ARG A 178 2.02 -5.35 12.41
C ARG A 178 1.88 -6.77 11.85
N ARG A 179 2.05 -6.93 10.54
CA ARG A 179 2.04 -8.26 9.95
C ARG A 179 3.36 -8.98 10.22
N GLY A 180 4.23 -8.37 11.04
CA GLY A 180 5.47 -9.00 11.45
C GLY A 180 6.59 -9.08 10.42
N LYS A 181 6.64 -8.16 9.47
CA LYS A 181 7.70 -8.18 8.45
C LYS A 181 9.02 -7.63 8.99
N ALA A 182 10.12 -8.11 8.41
CA ALA A 182 11.45 -7.73 8.86
C ALA A 182 11.76 -6.28 8.49
N THR A 183 11.22 -5.85 7.35
CA THR A 183 11.40 -4.48 6.87
C THR A 183 10.06 -3.85 6.49
N CYS A 184 10.00 -2.53 6.52
CA CYS A 184 8.76 -1.81 6.29
C CYS A 184 9.00 -0.68 5.29
N GLY A 185 8.07 -0.51 4.37
CA GLY A 185 8.17 0.54 3.35
C GLY A 185 7.75 1.87 3.93
N ASP A 186 6.90 1.82 4.95
CA ASP A 186 6.36 3.03 5.56
C ASP A 186 5.71 2.66 6.87
N VAL A 187 5.40 3.67 7.68
CA VAL A 187 4.74 3.42 8.95
C VAL A 187 3.40 4.15 9.02
N ASP A 188 2.36 3.41 9.41
CA ASP A 188 1.06 4.00 9.74
C ASP A 188 0.80 3.86 11.23
N VAL A 189 0.63 4.98 11.92
CA VAL A 189 0.30 4.91 13.33
C VAL A 189 -1.18 5.20 13.55
N LEU A 190 -1.91 4.19 14.00
CA LEU A 190 -3.34 4.33 14.27
C LEU A 190 -3.57 4.65 15.75
N ILE A 191 -4.39 5.66 16.01
CA ILE A 191 -4.60 6.18 17.35
C ILE A 191 -6.09 6.26 17.69
N THR A 192 -6.45 5.76 18.88
CA THR A 192 -7.82 5.86 19.40
C THR A 192 -7.82 5.92 20.94
N HIS A 193 -9.01 6.06 21.53
CA HIS A 193 -9.14 6.01 22.98
C HIS A 193 -10.31 5.14 23.41
N PRO A 194 -10.06 4.23 24.36
CA PRO A 194 -11.05 3.25 24.84
C PRO A 194 -12.35 3.88 25.32
N ASP A 195 -12.29 5.12 25.79
CA ASP A 195 -13.49 5.77 26.33
C ASP A 195 -14.33 6.45 25.25
N GLY A 196 -14.00 6.19 23.99
CA GLY A 196 -14.79 6.67 22.87
C GLY A 196 -14.86 8.18 22.72
N ARG A 197 -14.10 8.91 23.52
CA ARG A 197 -14.23 10.36 23.51
C ARG A 197 -12.91 11.10 23.48
N SER A 198 -11.95 10.63 24.25
CA SER A 198 -10.74 11.40 24.51
C SER A 198 -9.73 11.34 23.36
N HIS A 199 -10.20 10.90 22.20
CA HIS A 199 -9.39 10.91 20.99
C HIS A 199 -9.59 12.25 20.32
N ARG A 200 -10.71 12.89 20.62
CA ARG A 200 -11.04 14.19 20.06
C ARG A 200 -10.06 15.25 20.55
N GLY A 201 -9.71 16.18 19.66
CA GLY A 201 -8.78 17.23 20.01
C GLY A 201 -7.31 16.88 19.81
N ILE A 202 -6.98 15.60 19.94
CA ILE A 202 -5.58 15.15 19.90
C ILE A 202 -4.85 15.44 18.57
N PHE A 203 -5.50 15.13 17.45
CA PHE A 203 -4.89 15.19 16.12
C PHE A 203 -3.98 16.40 15.88
N SER A 204 -4.58 17.59 15.77
CA SER A 204 -3.81 18.78 15.46
C SER A 204 -2.71 19.09 16.47
N ARG A 205 -3.00 18.84 17.75
CA ARG A 205 -2.01 19.08 18.81
C ARG A 205 -0.80 18.14 18.68
N LEU A 206 -1.07 16.86 18.45
CA LEU A 206 -0.02 15.88 18.22
C LEU A 206 0.90 16.29 17.07
N LEU A 207 0.32 16.59 15.91
CA LEU A 207 1.11 16.99 14.75
C LEU A 207 2.00 18.17 15.09
N ASP A 208 1.42 19.20 15.69
CA ASP A 208 2.18 20.39 16.06
C ASP A 208 3.31 20.05 17.04
N SER A 209 3.04 19.14 17.97
CA SER A 209 4.08 18.68 18.88
C SER A 209 5.19 17.94 18.14
N LEU A 210 4.81 17.06 17.22
CA LEU A 210 5.80 16.27 16.50
C LEU A 210 6.64 17.15 15.57
N ARG A 211 6.03 18.21 15.06
CA ARG A 211 6.71 19.15 14.19
C ARG A 211 7.68 20.02 14.98
N GLN A 212 7.23 20.51 16.13
CA GLN A 212 8.07 21.33 17.00
C GLN A 212 9.28 20.54 17.41
N GLU A 213 9.08 19.26 17.68
CA GLU A 213 10.15 18.34 18.05
C GLU A 213 11.10 18.07 16.86
N GLY A 214 10.72 18.55 15.69
CA GLY A 214 11.52 18.39 14.49
C GLY A 214 11.43 17.00 13.88
N PHE A 215 10.50 16.19 14.38
CA PHE A 215 10.33 14.81 13.91
C PHE A 215 9.65 14.75 12.55
N LEU A 216 8.62 15.57 12.37
CA LEU A 216 7.94 15.69 11.09
C LEU A 216 8.68 16.73 10.28
N THR A 217 9.23 16.32 9.13
CA THR A 217 10.04 17.24 8.33
C THR A 217 9.25 17.87 7.17
N ASP A 218 8.22 17.17 6.69
CA ASP A 218 7.38 17.66 5.61
C ASP A 218 5.98 17.07 5.73
N ASP A 219 4.97 17.85 5.37
CA ASP A 219 3.60 17.38 5.38
C ASP A 219 3.17 17.21 3.93
N LEU A 220 2.55 16.08 3.63
CA LEU A 220 2.08 15.81 2.27
C LEU A 220 0.59 16.07 2.19
N VAL A 221 -0.16 15.44 3.09
CA VAL A 221 -1.60 15.64 3.17
C VAL A 221 -2.07 15.78 4.63
N LYS A 222 -2.79 16.86 4.93
CA LYS A 222 -3.42 16.99 6.22
C LYS A 222 -4.93 16.89 6.09
N GLY A 223 -5.47 15.72 6.40
CA GLY A 223 -6.91 15.51 6.37
C GLY A 223 -7.52 15.79 7.73
N GLU A 224 -8.83 15.58 7.84
CA GLU A 224 -9.55 15.83 9.08
C GLU A 224 -9.10 14.89 10.20
N THR A 225 -8.98 13.60 9.88
CA THR A 225 -8.61 12.62 10.89
C THR A 225 -7.38 11.80 10.49
N LYS A 226 -6.82 12.08 9.31
CA LYS A 226 -5.65 11.37 8.82
C LYS A 226 -4.60 12.32 8.24
N TYR A 227 -3.36 12.13 8.67
CA TYR A 227 -2.22 12.91 8.21
C TYR A 227 -1.24 12.03 7.43
N LEU A 228 -0.74 12.54 6.31
CA LEU A 228 0.32 11.87 5.55
C LEU A 228 1.50 12.81 5.49
N GLY A 229 2.66 12.36 5.97
CA GLY A 229 3.82 13.21 5.90
C GLY A 229 5.13 12.47 5.90
N VAL A 230 6.17 13.18 6.33
CA VAL A 230 7.52 12.68 6.32
C VAL A 230 8.15 12.88 7.70
N CYS A 231 8.75 11.83 8.24
CA CYS A 231 9.45 11.94 9.51
C CYS A 231 10.91 11.54 9.35
N ARG A 232 11.73 11.96 10.30
CA ARG A 232 13.10 11.49 10.42
C ARG A 232 13.51 11.45 11.89
N LEU A 233 13.99 10.30 12.35
CA LEU A 233 14.50 10.17 13.71
C LEU A 233 15.76 11.01 13.88
N PRO A 234 16.07 11.38 15.12
CA PRO A 234 17.24 12.24 15.35
C PRO A 234 18.56 11.46 15.34
N GLY A 235 19.67 12.16 15.17
CA GLY A 235 20.98 11.52 15.18
C GLY A 235 21.50 11.35 13.78
N PRO A 236 22.75 10.87 13.66
CA PRO A 236 23.38 10.60 12.35
C PRO A 236 22.83 9.34 11.70
N GLY A 237 22.96 9.22 10.38
CA GLY A 237 22.62 7.99 9.68
C GLY A 237 21.14 7.67 9.59
N ARG A 238 20.29 8.70 9.69
CA ARG A 238 18.84 8.51 9.60
C ARG A 238 18.32 8.97 8.25
N ARG A 239 17.35 8.25 7.72
CA ARG A 239 16.72 8.60 6.47
C ARG A 239 15.33 9.18 6.72
N HIS A 240 14.81 9.93 5.76
CA HIS A 240 13.42 10.39 5.83
C HIS A 240 12.50 9.22 5.53
N ARG A 241 11.45 9.05 6.33
CA ARG A 241 10.50 7.95 6.16
C ARG A 241 9.05 8.46 5.99
N ARG A 242 8.25 7.73 5.22
CA ARG A 242 6.85 8.07 5.07
C ARG A 242 6.11 7.64 6.33
N LEU A 243 5.32 8.55 6.88
CA LEU A 243 4.55 8.29 8.08
C LEU A 243 3.14 8.79 7.87
N ASP A 244 2.16 7.93 8.14
CA ASP A 244 0.78 8.36 8.26
C ASP A 244 0.36 8.27 9.73
N ILE A 245 -0.42 9.24 10.17
CA ILE A 245 -1.01 9.19 11.50
C ILE A 245 -2.52 9.30 11.37
N ILE A 246 -3.22 8.28 11.87
CA ILE A 246 -4.67 8.23 11.77
C ILE A 246 -5.31 8.24 13.17
N VAL A 247 -6.35 9.04 13.35
CA VAL A 247 -7.12 9.02 14.59
C VAL A 247 -8.55 8.59 14.31
N VAL A 248 -9.02 7.59 15.05
CA VAL A 248 -10.38 7.07 14.90
C VAL A 248 -11.09 6.95 16.24
N PRO A 249 -12.42 7.15 16.24
CA PRO A 249 -13.22 6.88 17.45
C PRO A 249 -13.11 5.41 17.81
N TYR A 250 -13.24 5.09 19.08
CA TYR A 250 -13.03 3.71 19.52
C TYR A 250 -13.88 2.68 18.78
N SER A 251 -15.10 3.04 18.39
CA SER A 251 -15.99 2.09 17.74
C SER A 251 -15.47 1.63 16.38
N GLU A 252 -14.56 2.39 15.79
CA GLU A 252 -14.00 2.03 14.49
C GLU A 252 -12.69 1.26 14.62
N PHE A 253 -12.20 1.13 15.85
CA PHE A 253 -10.85 0.62 16.08
C PHE A 253 -10.59 -0.65 15.28
N ALA A 254 -11.48 -1.62 15.39
CA ALA A 254 -11.22 -2.92 14.78
C ALA A 254 -11.16 -2.85 13.25
N CYS A 255 -12.11 -2.15 12.64
CA CYS A 255 -12.10 -2.02 11.18
C CYS A 255 -10.88 -1.23 10.67
N ALA A 256 -10.44 -0.23 11.44
CA ALA A 256 -9.26 0.56 11.08
C ALA A 256 -7.98 -0.26 11.23
N LEU A 257 -7.90 -1.07 12.29
CA LEU A 257 -6.78 -1.99 12.49
C LEU A 257 -6.68 -2.92 11.31
N LEU A 258 -7.82 -3.45 10.90
CA LEU A 258 -7.88 -4.39 9.79
C LEU A 258 -7.38 -3.71 8.51
N TYR A 259 -7.95 -2.56 8.18
CA TYR A 259 -7.59 -1.85 6.94
C TYR A 259 -6.13 -1.41 6.93
N PHE A 260 -5.73 -0.71 7.97
CA PHE A 260 -4.37 -0.19 8.03
C PHE A 260 -3.32 -1.27 8.18
N THR A 261 -3.76 -2.48 8.52
CA THR A 261 -2.83 -3.61 8.62
C THR A 261 -2.62 -4.29 7.27
N GLY A 262 -3.67 -4.34 6.44
CA GLY A 262 -3.51 -4.92 5.13
C GLY A 262 -3.30 -6.41 5.21
N SER A 263 -2.67 -7.01 4.20
CA SER A 263 -2.09 -6.31 3.05
C SER A 263 -3.11 -5.70 2.10
N ALA A 264 -2.61 -5.08 1.04
CA ALA A 264 -3.46 -4.54 -0.01
C ALA A 264 -4.39 -5.60 -0.60
N HIS A 265 -3.83 -6.74 -1.00
CA HIS A 265 -4.61 -7.79 -1.62
C HIS A 265 -5.60 -8.40 -0.62
N PHE A 266 -5.16 -8.55 0.62
CA PHE A 266 -6.04 -9.01 1.68
C PHE A 266 -7.23 -8.07 1.82
N ASN A 267 -6.96 -6.77 1.93
CA ASN A 267 -8.03 -5.77 2.04
C ASN A 267 -9.06 -5.86 0.92
N ARG A 268 -8.58 -5.93 -0.32
CA ARG A 268 -9.49 -5.93 -1.47
C ARG A 268 -10.29 -7.23 -1.53
N SER A 269 -9.65 -8.35 -1.20
CA SER A 269 -10.33 -9.64 -1.15
C SER A 269 -11.45 -9.65 -0.12
N MET A 270 -11.16 -9.14 1.08
CA MET A 270 -12.13 -9.07 2.15
C MET A 270 -13.29 -8.17 1.77
N ARG A 271 -12.97 -7.04 1.14
CA ARG A 271 -14.00 -6.12 0.69
C ARG A 271 -14.87 -6.77 -0.38
N ALA A 272 -14.23 -7.47 -1.31
CA ALA A 272 -14.95 -8.22 -2.34
C ALA A 272 -15.89 -9.25 -1.73
N LEU A 273 -15.41 -9.98 -0.73
CA LEU A 273 -16.25 -10.95 -0.03
C LEU A 273 -17.43 -10.28 0.70
N ALA A 274 -17.15 -9.21 1.43
CA ALA A 274 -18.23 -8.49 2.10
C ALA A 274 -19.31 -8.09 1.09
N LYS A 275 -18.88 -7.67 -0.09
CA LYS A 275 -19.85 -7.28 -1.12
C LYS A 275 -20.71 -8.45 -1.57
N THR A 276 -20.13 -9.64 -1.69
CA THR A 276 -20.92 -10.81 -2.10
C THR A 276 -21.98 -11.16 -1.07
N LYS A 277 -21.73 -10.81 0.18
CA LYS A 277 -22.64 -11.13 1.27
C LYS A 277 -23.60 -9.98 1.57
N GLY A 278 -23.73 -9.04 0.64
CA GLY A 278 -24.60 -7.90 0.81
C GLY A 278 -24.11 -6.92 1.87
N MET A 279 -22.80 -6.92 2.11
CA MET A 279 -22.21 -5.97 3.04
C MET A 279 -21.20 -5.06 2.34
N SER A 280 -20.75 -4.03 3.05
CA SER A 280 -19.65 -3.19 2.58
C SER A 280 -18.66 -2.99 3.72
N LEU A 281 -17.37 -3.15 3.42
CA LEU A 281 -16.32 -3.05 4.44
C LEU A 281 -15.40 -1.89 4.14
N SER A 282 -15.25 -0.99 5.11
CA SER A 282 -14.30 0.11 4.99
C SER A 282 -13.43 0.15 6.24
N GLU A 283 -12.50 1.11 6.28
CA GLU A 283 -11.69 1.31 7.47
C GLU A 283 -12.54 1.84 8.62
N HIS A 284 -13.76 2.31 8.31
CA HIS A 284 -14.67 2.84 9.33
C HIS A 284 -15.58 1.79 9.95
N ALA A 285 -16.03 0.84 9.14
CA ALA A 285 -17.06 -0.07 9.59
C ALA A 285 -17.37 -1.15 8.58
N LEU A 286 -17.91 -2.26 9.10
CA LEU A 286 -18.55 -3.25 8.28
C LEU A 286 -20.02 -2.92 8.31
N SER A 287 -20.61 -2.68 7.14
CA SER A 287 -22.00 -2.25 7.06
C SER A 287 -22.84 -3.19 6.21
N THR A 288 -24.15 -3.14 6.46
CA THR A 288 -25.12 -3.72 5.55
C THR A 288 -25.11 -2.89 4.28
N ALA A 289 -25.28 -3.54 3.14
CA ALA A 289 -25.30 -2.84 1.86
C ALA A 289 -26.47 -1.87 1.77
N VAL A 290 -26.26 -0.74 1.11
CA VAL A 290 -27.35 0.20 0.86
C VAL A 290 -28.26 -0.34 -0.22
N VAL A 291 -27.71 -1.20 -1.08
CA VAL A 291 -28.46 -1.80 -2.17
CA GLY A 300 -31.65 2.67 2.81
C GLY A 300 -30.13 2.77 2.72
N PRO A 301 -29.52 3.49 3.67
CA PRO A 301 -28.07 3.70 3.70
C PRO A 301 -27.29 2.43 4.07
N GLY A 302 -27.82 1.65 5.02
CA GLY A 302 -27.14 0.46 5.49
C GLY A 302 -26.90 0.56 6.98
N ARG A 303 -26.79 -0.57 7.66
CA ARG A 303 -26.57 -0.57 9.11
C ARG A 303 -25.13 -0.89 9.42
N VAL A 304 -24.54 -0.14 10.35
CA VAL A 304 -23.22 -0.46 10.88
C VAL A 304 -23.32 -1.67 11.80
N LEU A 305 -22.68 -2.76 11.44
CA LEU A 305 -22.64 -3.94 12.29
C LEU A 305 -21.62 -3.76 13.39
N PRO A 306 -21.94 -4.24 14.60
CA PRO A 306 -21.01 -4.13 15.74
C PRO A 306 -19.77 -5.01 15.56
N THR A 307 -18.60 -4.37 15.62
CA THR A 307 -17.34 -5.09 15.44
C THR A 307 -16.29 -4.54 16.40
N PRO A 308 -16.40 -4.92 17.69
CA PRO A 308 -15.45 -4.49 18.72
C PRO A 308 -14.03 -5.00 18.48
N THR A 309 -13.88 -6.15 17.84
CA THR A 309 -12.56 -6.69 17.55
C THR A 309 -12.48 -7.20 16.12
N GLU A 310 -11.27 -7.41 15.64
CA GLU A 310 -11.07 -7.88 14.27
C GLU A 310 -11.74 -9.23 14.04
N LYS A 311 -11.63 -10.12 15.02
CA LYS A 311 -12.31 -11.42 14.95
C LYS A 311 -13.79 -11.26 14.57
N ASP A 312 -14.45 -10.27 15.17
CA ASP A 312 -15.84 -10.00 14.83
C ASP A 312 -16.06 -9.73 13.34
N VAL A 313 -15.14 -8.99 12.71
CA VAL A 313 -15.26 -8.74 11.27
C VAL A 313 -15.18 -10.07 10.53
N PHE A 314 -14.19 -10.89 10.89
CA PHE A 314 -14.01 -12.19 10.25
C PHE A 314 -15.25 -13.06 10.40
N ARG A 315 -15.76 -13.14 11.63
CA ARG A 315 -16.91 -13.99 11.93
C ARG A 315 -18.15 -13.52 11.16
N LEU A 316 -18.40 -12.22 11.15
CA LEU A 316 -19.53 -11.68 10.42
C LEU A 316 -19.46 -12.01 8.93
N LEU A 317 -18.25 -12.18 8.42
CA LEU A 317 -18.06 -12.52 7.01
C LEU A 317 -18.01 -14.03 6.82
N GLY A 318 -18.19 -14.76 7.91
CA GLY A 318 -18.18 -16.22 7.86
C GLY A 318 -16.80 -16.77 7.62
N LEU A 319 -15.79 -16.04 8.10
CA LEU A 319 -14.40 -16.45 7.98
C LEU A 319 -13.80 -16.79 9.34
N PRO A 320 -12.89 -17.78 9.35
CA PRO A 320 -12.11 -18.01 10.57
C PRO A 320 -11.10 -16.89 10.72
N TYR A 321 -10.80 -16.51 11.95
CA TYR A 321 -9.87 -15.42 12.20
C TYR A 321 -8.50 -15.70 11.59
N ARG A 322 -7.84 -14.63 11.15
CA ARG A 322 -6.45 -14.70 10.69
C ARG A 322 -5.63 -13.67 11.43
N GLU A 323 -4.54 -14.10 12.05
CA GLU A 323 -3.59 -13.20 12.69
C GLU A 323 -2.95 -12.30 11.62
N PRO A 324 -2.54 -11.08 12.02
CA PRO A 324 -1.92 -10.18 11.05
C PRO A 324 -0.88 -10.85 10.16
N ALA A 325 -0.05 -11.73 10.70
CA ALA A 325 1.00 -12.36 9.90
C ALA A 325 0.40 -13.26 8.82
N GLU A 326 -0.86 -13.65 9.01
CA GLU A 326 -1.53 -14.53 8.06
C GLU A 326 -2.23 -13.74 6.95
N ARG A 327 -2.11 -12.42 6.99
CA ARG A 327 -2.86 -11.57 6.07
C ARG A 327 -1.94 -10.97 5.03
N ASP A 328 -0.77 -11.56 4.90
CA ASP A 328 0.26 -11.03 4.03
C ASP A 328 0.07 -11.61 2.63
N TRP A 329 -0.96 -11.13 1.94
CA TRP A 329 -1.29 -11.66 0.61
C TRP A 329 -0.72 -10.80 -0.50
#